data_5N33
#
_entry.id   5N33
#
_cell.length_a   58.225
_cell.length_b   72.589
_cell.length_c   108.793
_cell.angle_alpha   90.00
_cell.angle_beta   90.00
_cell.angle_gamma   90.00
#
_symmetry.space_group_name_H-M   'P 21 21 21'
#
loop_
_entity.id
_entity.type
_entity.pdbx_description
1 polymer 'cAMP-dependent protein kinase catalytic subunit alpha'
2 polymer 'cAMP-dependent protein kinase inhibitor alpha-like protein'
3 non-polymer 3-azanyl-5-(trifluoromethyl)-1~{H}-pyridin-2-one
4 non-polymer (4S)-2-METHYL-2,4-PENTANEDIOL
5 non-polymer 'DIMETHYL SULFOXIDE'
6 water water
#
loop_
_entity_poly.entity_id
_entity_poly.type
_entity_poly.pdbx_seq_one_letter_code
_entity_poly.pdbx_strand_id
1 'polypeptide(L)'
;GHMGNAAAAKKG(SEP)EQESVKEFLAKAKEEFLKKWESPSQNTAQLDHFDRIKTLGTGSFGRVMLVKHKETGNHYAMKI
LDKQKVVKLKQIEHTLNEKRILQAVNFPFLVKLEFSFKDNSNLYMVMEYVPGGEMFSHLRRIGRF(SEP)EPHARFYAAQ
IVLTFEYLHSLDLIYRDLKPENLLIDQQGYIQVTDFGFAKRVKGRTW(TPO)LCGTPEYLAPEIILSKGYNKAVDWWALG
VLIYEMAAGYPPFFADQPIQIYEKIVSGKVRFPSHFSSDLKDLLRNLLQVDLTKRFGNLKNGVNDIKNHKWFATTDWIAI
YQRKVEAPFIPKFKGPGDTSNFDDYEEEEIRV(SEP)INEKCGKEFTEF
;
A
2 'polypeptide(L)' IAAGRTGRRQAIHDILVAA B
#
loop_
_chem_comp.id
_chem_comp.type
_chem_comp.name
_chem_comp.formula
8JW non-polymer 3-azanyl-5-(trifluoromethyl)-1~{H}-pyridin-2-one 'C6 H5 F3 N2 O'
DMS non-polymer 'DIMETHYL SULFOXIDE' 'C2 H6 O S'
MPD non-polymer (4S)-2-METHYL-2,4-PENTANEDIOL 'C6 H14 O2'
#
# COMPACT_ATOMS: atom_id res chain seq x y z
N GLY A 1 -33.59 14.94 -6.61
CA GLY A 1 -32.25 14.58 -6.09
C GLY A 1 -31.23 14.41 -7.21
N HIS A 2 -29.99 14.05 -6.87
CA HIS A 2 -28.97 13.83 -7.89
C HIS A 2 -29.28 12.59 -8.72
N MET A 3 -29.82 11.55 -8.11
CA MET A 3 -30.21 10.33 -8.79
C MET A 3 -31.72 10.30 -8.88
N GLY A 4 -32.25 9.79 -9.98
CA GLY A 4 -33.63 9.36 -10.00
C GLY A 4 -33.85 8.24 -9.02
N ASN A 5 -35.10 8.08 -8.58
CA ASN A 5 -35.36 7.10 -7.53
C ASN A 5 -34.97 5.68 -7.93
N ALA A 6 -34.92 5.38 -9.23
CA ALA A 6 -34.50 4.05 -9.67
C ALA A 6 -32.99 3.86 -9.53
N ALA A 7 -32.21 4.82 -10.03
CA ALA A 7 -30.75 4.78 -9.86
C ALA A 7 -30.40 4.71 -8.38
N ALA A 8 -31.18 5.40 -7.54
CA ALA A 8 -30.92 5.37 -6.11
C ALA A 8 -31.16 3.96 -5.56
N ALA A 9 -32.20 3.28 -6.05
CA ALA A 9 -32.46 1.90 -5.63
C ALA A 9 -31.34 0.96 -6.07
N LYS A 10 -30.84 1.14 -7.29
CA LYS A 10 -29.69 0.35 -7.74
C LYS A 10 -28.49 0.59 -6.83
N LYS A 11 -28.18 1.84 -6.51
CA LYS A 11 -27.04 2.12 -5.64
C LYS A 11 -27.23 1.48 -4.27
N GLY A 12 -28.45 1.54 -3.73
CA GLY A 12 -28.70 0.92 -2.43
C GLY A 12 -28.48 -0.59 -2.45
N SEP A 13 -29.00 -1.25 -3.48
CA SEP A 13 -28.82 -2.69 -3.60
CB SEP A 13 -29.58 -3.24 -4.81
OG SEP A 13 -29.13 -4.53 -5.11
C SEP A 13 -27.33 -2.99 -3.67
O SEP A 13 -26.85 -3.93 -3.05
P SEP A 13 -30.17 -5.55 -5.78
O1P SEP A 13 -29.31 -6.86 -6.10
O2P SEP A 13 -30.77 -4.86 -7.09
O3P SEP A 13 -31.39 -5.82 -4.75
H SEP A 13 -29.45 -0.89 -4.12
HA SEP A 13 -29.18 -3.12 -2.79
HB2 SEP A 13 -29.42 -2.66 -5.56
HB3 SEP A 13 -30.53 -3.26 -4.60
N GLU A 14 -26.61 -2.16 -4.41
CA GLU A 14 -25.14 -2.31 -4.54
C GLU A 14 -24.47 -2.22 -3.18
N GLN A 15 -24.93 -1.29 -2.33
CA GLN A 15 -24.31 -1.12 -1.02
C GLN A 15 -24.64 -2.30 -0.09
N GLU A 16 -25.85 -2.85 -0.19
CA GLU A 16 -26.16 -4.06 0.57
C GLU A 16 -25.30 -5.24 0.12
N SER A 17 -25.07 -5.34 -1.19
CA SER A 17 -24.19 -6.40 -1.68
C SER A 17 -22.78 -6.24 -1.14
N VAL A 18 -22.29 -5.00 -0.99
CA VAL A 18 -20.98 -4.79 -0.36
C VAL A 18 -20.97 -5.35 1.04
N LYS A 19 -21.99 -5.05 1.83
CA LYS A 19 -22.05 -5.57 3.19
C LYS A 19 -22.02 -7.09 3.20
N GLU A 20 -22.73 -7.72 2.27
CA GLU A 20 -22.74 -9.18 2.19
C GLU A 20 -21.36 -9.72 1.86
N PHE A 21 -20.68 -9.08 0.91
CA PHE A 21 -19.32 -9.48 0.57
C PHE A 21 -18.39 -9.34 1.77
N LEU A 22 -18.43 -8.19 2.45
CA LEU A 22 -17.49 -7.97 3.54
C LEU A 22 -17.74 -8.91 4.69
N ALA A 23 -18.99 -9.30 4.92
CA ALA A 23 -19.27 -10.23 5.99
C ALA A 23 -18.64 -11.59 5.69
N LYS A 24 -18.76 -12.05 4.45
N LYS A 24 -18.74 -12.04 4.44
CA LYS A 24 -18.10 -13.31 4.08
CA LYS A 24 -18.11 -13.30 4.07
C LYS A 24 -16.59 -13.17 4.15
C LYS A 24 -16.59 -13.19 4.10
N ALA A 25 -16.06 -12.02 3.72
CA ALA A 25 -14.62 -11.83 3.74
C ALA A 25 -14.08 -11.84 5.16
N LYS A 26 -14.85 -11.31 6.11
CA LYS A 26 -14.42 -11.35 7.50
C LYS A 26 -14.40 -12.79 8.02
N GLU A 27 -15.41 -13.58 7.66
CA GLU A 27 -15.41 -14.97 8.09
C GLU A 27 -14.19 -15.70 7.55
N GLU A 28 -13.85 -15.46 6.30
CA GLU A 28 -12.69 -16.14 5.72
C GLU A 28 -11.39 -15.68 6.34
N PHE A 29 -11.26 -14.37 6.59
CA PHE A 29 -10.05 -13.83 7.21
C PHE A 29 -9.86 -14.40 8.60
N LEU A 30 -10.92 -14.42 9.41
CA LEU A 30 -10.78 -14.90 10.79
C LEU A 30 -10.39 -16.37 10.84
N LYS A 31 -10.93 -17.18 9.92
CA LYS A 31 -10.52 -18.58 9.87
C LYS A 31 -9.02 -18.72 9.65
N LYS A 32 -8.45 -17.88 8.76
CA LYS A 32 -7.00 -17.93 8.54
C LYS A 32 -6.21 -17.26 9.66
N TRP A 33 -6.75 -16.20 10.27
CA TRP A 33 -6.02 -15.44 11.28
C TRP A 33 -5.80 -16.26 12.54
N GLU A 34 -6.76 -17.12 12.89
CA GLU A 34 -6.64 -17.95 14.08
C GLU A 34 -5.88 -19.26 13.83
N SER A 35 -5.98 -19.82 12.62
CA SER A 35 -5.34 -21.11 12.31
C SER A 35 -4.61 -21.02 10.98
N PRO A 36 -3.46 -20.34 10.94
CA PRO A 36 -2.67 -20.15 9.70
C PRO A 36 -2.44 -21.44 8.92
N ASN A 39 3.27 -22.28 5.54
CA ASN A 39 3.91 -22.70 4.31
C ASN A 39 5.35 -22.23 4.26
N THR A 40 6.27 -23.03 4.81
CA THR A 40 7.66 -22.60 4.85
C THR A 40 8.42 -23.14 3.63
N ALA A 41 9.70 -22.78 3.61
CA ALA A 41 10.65 -23.16 2.59
C ALA A 41 12.01 -22.92 3.22
N GLN A 42 13.08 -22.96 2.44
CA GLN A 42 14.38 -22.60 2.95
C GLN A 42 15.16 -21.87 1.88
N LEU A 43 16.21 -21.18 2.33
CA LEU A 43 16.93 -20.28 1.43
C LEU A 43 17.49 -21.03 0.24
N ASP A 44 18.05 -22.23 0.44
CA ASP A 44 18.69 -22.92 -0.68
C ASP A 44 17.69 -23.52 -1.67
N HIS A 45 16.40 -23.33 -1.48
CA HIS A 45 15.40 -23.68 -2.49
C HIS A 45 15.30 -22.66 -3.62
N PHE A 46 16.01 -21.56 -3.55
CA PHE A 46 15.85 -20.47 -4.50
C PHE A 46 17.21 -20.05 -5.03
N ASP A 47 17.25 -19.66 -6.30
CA ASP A 47 18.37 -18.93 -6.86
C ASP A 47 18.11 -17.45 -6.74
N ARG A 48 19.10 -16.70 -6.28
CA ARG A 48 18.94 -15.26 -6.17
C ARG A 48 19.39 -14.62 -7.48
N ILE A 49 18.53 -13.76 -8.04
N ILE A 49 18.55 -13.73 -8.02
CA ILE A 49 18.74 -13.18 -9.37
CA ILE A 49 18.71 -13.20 -9.37
C ILE A 49 19.20 -11.73 -9.30
C ILE A 49 19.15 -11.73 -9.36
N LYS A 50 18.39 -10.87 -8.68
CA LYS A 50 18.64 -9.44 -8.75
C LYS A 50 17.93 -8.74 -7.60
N THR A 51 18.52 -7.66 -7.10
CA THR A 51 17.84 -6.84 -6.10
C THR A 51 16.82 -5.94 -6.77
N LEU A 52 15.59 -5.97 -6.27
CA LEU A 52 14.48 -5.18 -6.81
C LEU A 52 14.16 -3.95 -5.99
N GLY A 53 14.66 -3.87 -4.77
CA GLY A 53 14.42 -2.73 -3.91
C GLY A 53 15.19 -2.92 -2.62
N THR A 54 15.38 -1.80 -1.91
CA THR A 54 16.15 -1.81 -0.66
C THR A 54 15.53 -0.85 0.34
N GLY A 55 15.69 -1.20 1.63
CA GLY A 55 15.18 -0.39 2.71
C GLY A 55 16.06 -0.46 3.95
N SER A 56 15.58 0.10 5.06
CA SER A 56 16.39 0.20 6.27
C SER A 56 16.83 -1.17 6.77
N PHE A 57 15.93 -2.15 6.74
CA PHE A 57 16.13 -3.44 7.38
C PHE A 57 16.58 -4.54 6.42
N GLY A 58 16.68 -4.25 5.13
CA GLY A 58 17.03 -5.28 4.17
C GLY A 58 16.69 -4.94 2.74
N ARG A 59 16.21 -5.94 1.98
CA ARG A 59 16.05 -5.76 0.55
C ARG A 59 15.00 -6.74 0.05
N VAL A 60 14.55 -6.49 -1.17
CA VAL A 60 13.69 -7.42 -1.88
C VAL A 60 14.48 -7.91 -3.09
N MET A 61 14.52 -9.23 -3.28
N MET A 61 14.50 -9.23 -3.27
CA MET A 61 15.25 -9.81 -4.38
CA MET A 61 15.25 -9.87 -4.34
C MET A 61 14.34 -10.63 -5.27
C MET A 61 14.30 -10.60 -5.27
N LEU A 62 14.56 -10.51 -6.56
CA LEU A 62 13.97 -11.48 -7.49
C LEU A 62 14.68 -12.80 -7.25
N VAL A 63 13.90 -13.86 -7.02
CA VAL A 63 14.42 -15.21 -6.87
C VAL A 63 13.70 -16.14 -7.82
N LYS A 64 14.37 -17.26 -8.12
CA LYS A 64 13.76 -18.32 -8.91
C LYS A 64 13.75 -19.58 -8.07
N HIS A 65 12.56 -20.16 -7.90
CA HIS A 65 12.41 -21.39 -7.14
C HIS A 65 12.99 -22.54 -7.96
N LYS A 66 13.97 -23.24 -7.38
CA LYS A 66 14.74 -24.22 -8.15
C LYS A 66 13.84 -25.35 -8.67
N GLU A 67 12.98 -25.88 -7.81
CA GLU A 67 12.19 -27.05 -8.20
C GLU A 67 11.20 -26.71 -9.32
N THR A 68 10.46 -25.61 -9.18
CA THR A 68 9.38 -25.31 -10.11
C THR A 68 9.77 -24.33 -11.21
N GLY A 69 10.86 -23.59 -11.03
CA GLY A 69 11.21 -22.54 -11.96
C GLY A 69 10.39 -21.27 -11.85
N ASN A 70 9.48 -21.19 -10.87
CA ASN A 70 8.67 -20.00 -10.70
C ASN A 70 9.51 -18.87 -10.14
N HIS A 71 9.22 -17.64 -10.58
CA HIS A 71 9.89 -16.47 -10.02
C HIS A 71 9.03 -15.86 -8.92
N TYR A 72 9.70 -15.30 -7.92
CA TYR A 72 9.07 -14.66 -6.78
C TYR A 72 9.90 -13.46 -6.36
N ALA A 73 9.29 -12.59 -5.55
CA ALA A 73 9.98 -11.50 -4.89
C ALA A 73 10.17 -11.88 -3.42
N MET A 74 11.43 -11.96 -2.98
N MET A 74 11.42 -11.97 -2.98
CA MET A 74 11.79 -12.37 -1.63
CA MET A 74 11.74 -12.38 -1.61
C MET A 74 12.23 -11.16 -0.80
C MET A 74 12.21 -11.18 -0.80
N LYS A 75 11.45 -10.83 0.23
CA LYS A 75 11.84 -9.78 1.16
C LYS A 75 12.69 -10.42 2.25
N ILE A 76 13.88 -9.83 2.48
CA ILE A 76 14.87 -10.33 3.41
C ILE A 76 15.05 -9.26 4.48
N LEU A 77 14.81 -9.62 5.74
CA LEU A 77 14.99 -8.70 6.86
C LEU A 77 16.08 -9.20 7.78
N ASP A 78 17.02 -8.33 8.10
CA ASP A 78 18.09 -8.67 9.03
C ASP A 78 17.54 -8.63 10.46
N LYS A 79 17.58 -9.77 11.15
CA LYS A 79 16.94 -9.87 12.46
C LYS A 79 17.51 -8.87 13.46
N GLN A 80 18.83 -8.69 13.47
CA GLN A 80 19.45 -7.80 14.46
C GLN A 80 19.01 -6.36 14.25
N LYS A 81 18.85 -5.93 12.99
CA LYS A 81 18.40 -4.58 12.71
C LYS A 81 16.94 -4.38 13.11
N VAL A 82 16.12 -5.42 12.98
CA VAL A 82 14.70 -5.32 13.33
C VAL A 82 14.53 -5.13 14.83
N VAL A 83 15.28 -5.89 15.62
CA VAL A 83 15.23 -5.77 17.08
C VAL A 83 15.63 -4.36 17.52
N LYS A 84 16.60 -3.76 16.84
CA LYS A 84 17.09 -2.46 17.25
C LYS A 84 16.00 -1.39 17.27
N LEU A 85 14.77 -1.74 16.88
CA LEU A 85 13.67 -0.78 16.81
C LEU A 85 12.38 -1.43 17.33
N LYS A 86 11.30 -0.65 17.36
CA LYS A 86 9.98 -1.21 17.66
C LYS A 86 9.44 -1.96 16.44
N GLN A 87 10.34 -2.64 15.71
CA GLN A 87 9.92 -3.33 14.49
C GLN A 87 9.69 -4.81 14.65
N ILE A 88 10.05 -5.42 15.77
CA ILE A 88 9.72 -6.84 15.95
C ILE A 88 8.22 -7.04 15.76
N GLU A 89 7.40 -6.30 16.51
CA GLU A 89 5.95 -6.41 16.40
C GLU A 89 5.49 -6.11 14.98
N HIS A 90 6.07 -5.09 14.35
CA HIS A 90 5.64 -4.70 13.00
C HIS A 90 5.95 -5.80 12.00
N THR A 91 7.11 -6.46 12.11
N THR A 91 7.10 -6.47 12.13
CA THR A 91 7.43 -7.56 11.21
CA THR A 91 7.45 -7.55 11.23
C THR A 91 6.49 -8.74 11.43
C THR A 91 6.55 -8.76 11.44
N LEU A 92 6.17 -9.03 12.69
CA LEU A 92 5.20 -10.08 12.95
C LEU A 92 3.82 -9.72 12.40
N ASN A 93 3.41 -8.45 12.54
CA ASN A 93 2.15 -7.99 11.95
C ASN A 93 2.13 -8.28 10.45
N GLU A 94 3.22 -7.91 9.75
CA GLU A 94 3.25 -8.04 8.30
C GLU A 94 3.02 -9.48 7.86
N LYS A 95 3.74 -10.43 8.48
CA LYS A 95 3.60 -11.83 8.09
C LYS A 95 2.21 -12.34 8.39
N ARG A 96 1.70 -12.08 9.59
CA ARG A 96 0.41 -12.60 10.00
C ARG A 96 -0.71 -12.04 9.13
N ILE A 97 -0.66 -10.74 8.83
CA ILE A 97 -1.71 -10.16 7.98
C ILE A 97 -1.63 -10.71 6.57
N LEU A 98 -0.43 -10.76 6.00
CA LEU A 98 -0.30 -11.26 4.64
C LEU A 98 -0.77 -12.70 4.50
N GLN A 99 -0.57 -13.53 5.52
N GLN A 99 -0.55 -13.53 5.52
CA GLN A 99 -1.00 -14.92 5.43
CA GLN A 99 -1.02 -14.91 5.47
C GLN A 99 -2.50 -15.10 5.62
C GLN A 99 -2.54 -14.98 5.35
N ALA A 100 -3.24 -14.06 6.00
CA ALA A 100 -4.67 -14.19 6.25
C ALA A 100 -5.56 -13.42 5.27
N VAL A 101 -5.05 -12.37 4.62
CA VAL A 101 -5.90 -11.57 3.72
C VAL A 101 -5.99 -12.24 2.35
N ASN A 102 -6.99 -11.78 1.57
CA ASN A 102 -7.18 -12.25 0.21
C ASN A 102 -8.00 -11.20 -0.52
N PHE A 103 -7.39 -10.53 -1.50
CA PHE A 103 -8.05 -9.49 -2.25
C PHE A 103 -7.28 -9.29 -3.56
N PRO A 104 -7.94 -8.93 -4.66
CA PRO A 104 -7.24 -8.97 -5.96
C PRO A 104 -6.13 -7.97 -6.10
N PHE A 105 -6.11 -6.92 -5.27
CA PHE A 105 -5.11 -5.87 -5.36
C PHE A 105 -4.10 -5.93 -4.22
N LEU A 106 -4.05 -7.04 -3.47
CA LEU A 106 -3.10 -7.22 -2.37
C LEU A 106 -2.11 -8.31 -2.76
N VAL A 107 -0.83 -8.03 -2.61
CA VAL A 107 0.18 -9.00 -3.01
C VAL A 107 0.02 -10.28 -2.19
N LYS A 108 0.20 -11.41 -2.86
CA LYS A 108 0.05 -12.73 -2.23
C LYS A 108 1.37 -13.26 -1.69
N LEU A 109 1.34 -13.70 -0.44
CA LEU A 109 2.48 -14.31 0.21
C LEU A 109 2.47 -15.80 -0.10
N GLU A 110 3.61 -16.33 -0.53
CA GLU A 110 3.73 -17.74 -0.87
C GLU A 110 4.45 -18.56 0.19
N PHE A 111 5.55 -18.04 0.75
CA PHE A 111 6.32 -18.76 1.76
C PHE A 111 6.86 -17.77 2.77
N SER A 112 7.13 -18.26 3.97
CA SER A 112 7.91 -17.49 4.93
C SER A 112 8.77 -18.46 5.72
N PHE A 113 9.96 -18.00 6.10
CA PHE A 113 10.87 -18.81 6.91
C PHE A 113 11.91 -17.88 7.52
N LYS A 114 12.77 -18.45 8.37
CA LYS A 114 13.79 -17.65 9.01
C LYS A 114 15.03 -18.53 9.15
N ASP A 115 16.17 -17.88 9.34
CA ASP A 115 17.41 -18.61 9.62
C ASP A 115 18.17 -17.89 10.74
N ASN A 116 19.45 -18.24 10.90
CA ASN A 116 20.21 -17.65 12.00
C ASN A 116 20.23 -16.13 11.93
N SER A 117 20.23 -15.55 10.73
CA SER A 117 20.44 -14.12 10.57
C SER A 117 19.21 -13.36 10.12
N ASN A 118 18.35 -13.96 9.31
CA ASN A 118 17.34 -13.21 8.57
C ASN A 118 15.95 -13.79 8.74
N LEU A 119 14.96 -12.95 8.44
CA LEU A 119 13.59 -13.36 8.19
C LEU A 119 13.35 -13.24 6.69
N TYR A 120 12.50 -14.13 6.16
CA TYR A 120 12.22 -14.16 4.73
C TYR A 120 10.71 -14.26 4.48
N MET A 121 10.21 -13.42 3.58
CA MET A 121 8.84 -13.53 3.08
C MET A 121 8.92 -13.56 1.56
N VAL A 122 8.37 -14.61 0.96
CA VAL A 122 8.45 -14.85 -0.47
C VAL A 122 7.07 -14.57 -1.03
N MET A 123 6.98 -13.56 -1.92
N MET A 123 7.00 -13.54 -1.89
CA MET A 123 5.71 -13.07 -2.42
CA MET A 123 5.79 -12.94 -2.43
C MET A 123 5.69 -13.07 -3.94
C MET A 123 5.67 -13.24 -3.92
N GLU A 124 4.49 -12.92 -4.49
N GLU A 124 4.50 -12.93 -4.47
CA GLU A 124 4.30 -12.88 -5.94
CA GLU A 124 4.36 -12.92 -5.92
C GLU A 124 5.16 -11.77 -6.55
C GLU A 124 5.20 -11.79 -6.51
N TYR A 125 5.86 -12.10 -7.63
CA TYR A 125 6.63 -11.12 -8.39
C TYR A 125 5.69 -10.41 -9.35
N VAL A 126 5.76 -9.08 -9.34
CA VAL A 126 4.91 -8.24 -10.17
C VAL A 126 5.81 -7.51 -11.17
N PRO A 127 5.96 -8.02 -12.39
CA PRO A 127 7.06 -7.55 -13.26
C PRO A 127 6.84 -6.18 -13.88
N GLY A 128 5.65 -5.59 -13.77
CA GLY A 128 5.44 -4.29 -14.37
C GLY A 128 6.10 -3.13 -13.64
N GLY A 129 6.67 -3.36 -12.46
CA GLY A 129 7.39 -2.31 -11.78
C GLY A 129 6.52 -1.46 -10.86
N GLU A 130 7.18 -0.54 -10.14
CA GLU A 130 6.50 0.35 -9.21
C GLU A 130 5.79 1.49 -9.93
N MET A 131 4.59 1.82 -9.46
CA MET A 131 3.93 3.05 -9.89
C MET A 131 4.91 4.23 -9.81
N PHE A 132 5.72 4.26 -8.75
CA PHE A 132 6.67 5.35 -8.54
C PHE A 132 7.50 5.66 -9.77
N SER A 133 8.12 4.65 -10.37
N SER A 133 8.15 4.61 -10.33
CA SER A 133 9.03 4.98 -11.48
CA SER A 133 9.00 4.76 -11.51
C SER A 133 8.28 5.33 -12.75
C SER A 133 8.22 5.37 -12.66
N HIS A 134 7.12 4.72 -13.01
CA HIS A 134 6.29 5.15 -14.15
C HIS A 134 5.85 6.60 -13.98
N LEU A 135 5.42 6.96 -12.76
CA LEU A 135 4.96 8.32 -12.50
C LEU A 135 6.10 9.33 -12.63
N ARG A 136 7.26 9.01 -12.07
CA ARG A 136 8.38 9.94 -12.19
C ARG A 136 8.84 10.08 -13.65
N ARG A 137 8.72 9.01 -14.44
N ARG A 137 8.76 9.00 -14.43
CA ARG A 137 9.16 9.04 -15.83
CA ARG A 137 9.22 9.08 -15.81
C ARG A 137 8.23 9.91 -16.67
C ARG A 137 8.25 9.84 -16.70
N ILE A 138 6.90 9.71 -16.54
N ILE A 138 6.95 9.66 -16.48
CA ILE A 138 5.92 10.44 -17.37
CA ILE A 138 5.94 10.34 -17.29
C ILE A 138 5.51 11.78 -16.78
C ILE A 138 5.75 11.79 -16.83
N GLY A 139 5.85 12.04 -15.53
CA GLY A 139 5.56 13.32 -14.91
C GLY A 139 4.31 13.24 -14.06
N ARG A 140 3.14 13.16 -14.69
N ARG A 140 3.15 13.18 -14.70
CA ARG A 140 1.89 13.01 -13.97
CA ARG A 140 1.89 13.02 -13.99
C ARG A 140 0.92 12.21 -14.81
C ARG A 140 0.99 12.11 -14.79
N PHE A 141 -0.06 11.62 -14.13
CA PHE A 141 -1.11 10.85 -14.80
C PHE A 141 -2.30 11.77 -15.04
N SEP A 142 -2.99 11.55 -16.15
CA SEP A 142 -4.23 12.30 -16.39
CB SEP A 142 -4.75 12.02 -17.79
OG SEP A 142 -5.27 10.70 -17.82
C SEP A 142 -5.27 11.88 -15.35
O SEP A 142 -5.11 10.83 -14.70
P SEP A 142 -5.50 10.09 -19.30
O1P SEP A 142 -4.07 9.75 -19.93
O2P SEP A 142 -6.39 8.78 -19.07
O3P SEP A 142 -6.34 11.14 -20.16
H SEP A 142 -2.78 10.99 -16.76
HA SEP A 142 -4.06 13.26 -16.30
HB2 SEP A 142 -4.03 12.10 -18.43
HB3 SEP A 142 -5.46 12.65 -18.00
N GLU A 143 -6.33 12.65 -15.18
CA GLU A 143 -7.29 12.33 -14.14
C GLU A 143 -7.94 10.95 -14.31
N PRO A 144 -8.37 10.59 -15.52
CA PRO A 144 -8.92 9.22 -15.68
C PRO A 144 -7.95 8.12 -15.28
N HIS A 145 -6.67 8.31 -15.58
CA HIS A 145 -5.63 7.33 -15.26
C HIS A 145 -5.42 7.24 -13.75
N ALA A 146 -5.29 8.40 -13.10
CA ALA A 146 -5.18 8.44 -11.65
C ALA A 146 -6.42 7.81 -11.00
N ARG A 147 -7.60 8.10 -11.55
CA ARG A 147 -8.85 7.62 -10.97
C ARG A 147 -8.92 6.09 -10.99
N PHE A 148 -8.48 5.48 -12.09
CA PHE A 148 -8.47 4.02 -12.19
C PHE A 148 -7.63 3.40 -11.08
N TYR A 149 -6.44 3.96 -10.79
CA TYR A 149 -5.63 3.45 -9.69
C TYR A 149 -6.28 3.78 -8.34
N ALA A 150 -6.78 5.00 -8.20
CA ALA A 150 -7.39 5.40 -6.94
C ALA A 150 -8.55 4.49 -6.56
N ALA A 151 -9.37 4.09 -7.54
CA ALA A 151 -10.52 3.24 -7.27
C ALA A 151 -10.07 1.92 -6.66
N GLN A 152 -8.96 1.38 -7.13
CA GLN A 152 -8.46 0.12 -6.59
C GLN A 152 -8.00 0.29 -5.14
N ILE A 153 -7.38 1.43 -4.82
CA ILE A 153 -7.01 1.69 -3.43
C ILE A 153 -8.25 1.85 -2.55
N VAL A 154 -9.28 2.57 -3.02
CA VAL A 154 -10.49 2.72 -2.23
C VAL A 154 -11.07 1.36 -1.88
N LEU A 155 -11.16 0.47 -2.87
CA LEU A 155 -11.74 -0.86 -2.60
C LEU A 155 -10.85 -1.66 -1.66
N THR A 156 -9.53 -1.55 -1.81
CA THR A 156 -8.61 -2.27 -0.94
C THR A 156 -8.71 -1.80 0.50
N PHE A 157 -8.81 -0.48 0.71
CA PHE A 157 -8.97 0.04 2.06
C PHE A 157 -10.34 -0.31 2.62
N GLU A 158 -11.39 -0.32 1.79
CA GLU A 158 -12.67 -0.75 2.30
C GLU A 158 -12.61 -2.18 2.83
N TYR A 159 -11.92 -3.05 2.09
CA TYR A 159 -11.69 -4.42 2.53
C TYR A 159 -10.87 -4.46 3.81
N LEU A 160 -9.68 -3.84 3.81
CA LEU A 160 -8.82 -3.93 4.99
C LEU A 160 -9.50 -3.37 6.22
N HIS A 161 -10.13 -2.19 6.09
CA HIS A 161 -10.72 -1.54 7.25
C HIS A 161 -11.87 -2.37 7.81
N SER A 162 -12.59 -3.10 6.95
CA SER A 162 -13.69 -3.94 7.42
C SER A 162 -13.19 -5.06 8.32
N LEU A 163 -11.92 -5.45 8.15
CA LEU A 163 -11.26 -6.44 8.97
C LEU A 163 -10.55 -5.82 10.17
N ASP A 164 -10.76 -4.53 10.41
CA ASP A 164 -10.06 -3.75 11.44
C ASP A 164 -8.56 -3.66 11.19
N LEU A 165 -8.15 -3.70 9.92
CA LEU A 165 -6.74 -3.54 9.55
C LEU A 165 -6.49 -2.15 9.00
N ILE A 166 -5.48 -1.47 9.54
N ILE A 166 -5.52 -1.46 9.57
CA ILE A 166 -5.03 -0.19 9.00
CA ILE A 166 -5.00 -0.22 9.04
C ILE A 166 -3.68 -0.40 8.31
C ILE A 166 -3.77 -0.54 8.22
N TYR A 167 -3.52 0.21 7.14
CA TYR A 167 -2.40 -0.07 6.24
C TYR A 167 -1.14 0.75 6.56
N ARG A 168 -1.28 2.07 6.64
CA ARG A 168 -0.28 2.98 7.19
C ARG A 168 0.98 3.19 6.35
N ASP A 169 1.05 2.76 5.09
CA ASP A 169 2.21 3.16 4.29
C ASP A 169 1.85 3.29 2.81
N LEU A 170 0.71 3.91 2.51
CA LEU A 170 0.39 4.15 1.11
C LEU A 170 1.36 5.15 0.49
N LYS A 171 1.89 4.81 -0.68
CA LYS A 171 2.73 5.67 -1.51
C LYS A 171 3.02 4.96 -2.83
N PRO A 172 3.41 5.69 -3.88
CA PRO A 172 3.67 5.02 -5.17
C PRO A 172 4.75 3.98 -5.14
N GLU A 173 5.72 4.11 -4.22
CA GLU A 173 6.81 3.13 -4.09
C GLU A 173 6.27 1.74 -3.73
N ASN A 174 5.12 1.68 -3.08
CA ASN A 174 4.54 0.44 -2.58
C ASN A 174 3.42 -0.11 -3.45
N LEU A 175 3.23 0.46 -4.64
CA LEU A 175 2.16 0.05 -5.54
C LEU A 175 2.78 -0.44 -6.84
N LEU A 176 2.62 -1.73 -7.13
CA LEU A 176 3.20 -2.31 -8.33
C LEU A 176 2.11 -2.49 -9.36
N ILE A 177 2.51 -2.46 -10.62
N ILE A 177 2.52 -2.50 -10.63
CA ILE A 177 1.60 -2.59 -11.75
CA ILE A 177 1.60 -2.57 -11.77
C ILE A 177 1.75 -3.99 -12.31
C ILE A 177 1.74 -3.97 -12.39
N ASP A 178 0.64 -4.72 -12.41
CA ASP A 178 0.68 -6.10 -12.89
C ASP A 178 0.55 -6.17 -14.42
N GLN A 179 0.55 -7.40 -14.95
CA GLN A 179 0.58 -7.56 -16.40
C GLN A 179 -0.70 -7.07 -17.08
N GLN A 180 -1.80 -6.93 -16.33
CA GLN A 180 -3.03 -6.37 -16.87
C GLN A 180 -3.19 -4.89 -16.56
N GLY A 181 -2.18 -4.26 -15.95
CA GLY A 181 -2.25 -2.85 -15.66
C GLY A 181 -2.95 -2.49 -14.37
N TYR A 182 -3.29 -3.48 -13.55
CA TYR A 182 -3.92 -3.28 -12.26
C TYR A 182 -2.85 -3.17 -11.17
N ILE A 183 -3.28 -2.70 -10.00
N ILE A 183 -3.28 -2.67 -10.01
CA ILE A 183 -2.39 -2.39 -8.89
CA ILE A 183 -2.40 -2.44 -8.88
C ILE A 183 -2.27 -3.55 -7.91
C ILE A 183 -2.21 -3.71 -8.05
N GLN A 184 -1.03 -3.78 -7.45
CA GLN A 184 -0.73 -4.68 -6.36
C GLN A 184 -0.13 -3.86 -5.23
N VAL A 185 -0.79 -3.88 -4.08
CA VAL A 185 -0.27 -3.21 -2.89
C VAL A 185 0.72 -4.13 -2.19
N THR A 186 1.91 -3.61 -1.87
CA THR A 186 2.97 -4.34 -1.19
C THR A 186 3.37 -3.56 0.08
N ASP A 187 4.22 -4.19 0.85
CA ASP A 187 4.76 -3.64 2.06
C ASP A 187 3.68 -3.44 3.11
N PHE A 188 3.44 -4.52 3.85
CA PHE A 188 2.55 -4.50 5.00
C PHE A 188 3.31 -4.35 6.31
N GLY A 189 4.52 -3.78 6.24
CA GLY A 189 5.34 -3.63 7.43
C GLY A 189 4.73 -2.76 8.52
N PHE A 190 3.83 -1.83 8.17
CA PHE A 190 3.16 -1.03 9.18
C PHE A 190 1.68 -1.38 9.33
N ALA A 191 1.21 -2.40 8.63
CA ALA A 191 -0.20 -2.77 8.78
C ALA A 191 -0.45 -3.38 10.16
N LYS A 192 -1.62 -3.13 10.71
CA LYS A 192 -1.92 -3.55 12.06
C LYS A 192 -3.41 -3.73 12.24
N ARG A 193 -3.78 -4.71 13.05
CA ARG A 193 -5.17 -4.85 13.48
C ARG A 193 -5.42 -3.88 14.64
N VAL A 194 -6.38 -2.97 14.45
CA VAL A 194 -6.67 -1.88 15.36
C VAL A 194 -8.18 -1.77 15.45
N LYS A 195 -8.75 -2.03 16.62
CA LYS A 195 -10.21 -1.94 16.71
C LYS A 195 -10.68 -0.50 16.83
N GLY A 196 -9.91 0.31 17.53
CA GLY A 196 -10.21 1.71 17.72
C GLY A 196 -9.04 2.59 17.38
N ARG A 197 -8.26 3.00 18.38
CA ARG A 197 -7.09 3.83 18.15
C ARG A 197 -5.79 3.07 18.34
N THR A 198 -4.73 3.63 17.77
CA THR A 198 -3.37 3.17 17.98
C THR A 198 -2.46 4.40 18.06
N TRP A 199 -1.23 4.19 18.51
CA TRP A 199 -0.36 5.29 18.91
C TRP A 199 1.04 5.34 18.29
N TPO A 200 1.44 4.37 17.47
CA TPO A 200 2.84 4.34 17.01
CB TPO A 200 3.18 3.00 16.37
CG2 TPO A 200 4.68 2.97 16.03
OG1 TPO A 200 2.88 1.93 17.25
P TPO A 200 1.74 0.92 16.76
O1P TPO A 200 1.42 0.06 18.03
O2P TPO A 200 2.27 0.11 15.61
O3P TPO A 200 0.54 1.79 16.31
C TPO A 200 3.10 5.46 16.03
O TPO A 200 2.32 5.70 15.12
H TPO A 200 0.94 3.74 17.18
HA TPO A 200 3.43 4.46 17.78
HB TPO A 200 2.60 2.89 15.44
HG21 TPO A 200 4.93 2.01 15.56
HG22 TPO A 200 5.26 3.09 16.95
HG23 TPO A 200 4.92 3.78 15.34
N LEU A 201 4.19 6.19 16.16
CA LEU A 201 4.57 7.18 15.18
C LEU A 201 5.28 6.46 14.05
N CYS A 202 4.61 6.18 12.94
CA CYS A 202 5.21 5.47 11.84
C CYS A 202 4.50 5.87 10.54
N GLY A 203 5.20 5.66 9.43
CA GLY A 203 4.76 5.95 8.08
C GLY A 203 5.85 6.66 7.31
N THR A 204 5.46 7.28 6.20
CA THR A 204 6.40 8.02 5.38
C THR A 204 6.03 9.49 5.44
N PRO A 205 6.99 10.39 5.70
CA PRO A 205 6.67 11.80 6.00
C PRO A 205 5.62 12.46 5.11
N GLU A 206 5.80 12.43 3.78
CA GLU A 206 4.87 13.12 2.90
C GLU A 206 3.43 12.63 3.01
N TYR A 207 3.24 11.40 3.48
CA TYR A 207 1.93 10.75 3.52
C TYR A 207 1.30 10.71 4.92
N LEU A 208 1.98 11.24 5.96
CA LEU A 208 1.46 11.20 7.32
C LEU A 208 0.29 12.16 7.54
N ALA A 209 -0.77 11.65 8.16
CA ALA A 209 -1.86 12.51 8.56
C ALA A 209 -1.43 13.39 9.73
N PRO A 210 -2.08 14.55 9.90
CA PRO A 210 -1.66 15.46 10.97
C PRO A 210 -1.71 14.83 12.35
N GLU A 211 -2.71 13.99 12.62
CA GLU A 211 -2.84 13.44 13.96
C GLU A 211 -1.68 12.50 14.29
N ILE A 212 -1.05 11.87 13.29
CA ILE A 212 0.14 11.08 13.56
C ILE A 212 1.27 12.00 14.02
N ILE A 213 1.52 13.06 13.24
CA ILE A 213 2.62 13.98 13.52
C ILE A 213 2.43 14.62 14.89
N LEU A 214 1.18 14.87 15.28
CA LEU A 214 0.89 15.53 16.54
C LEU A 214 0.84 14.58 17.73
N SER A 215 1.25 13.32 17.55
CA SER A 215 1.33 12.36 18.65
C SER A 215 -0.03 12.15 19.32
N LYS A 216 -1.08 12.19 18.51
CA LYS A 216 -2.43 11.87 18.97
C LYS A 216 -2.71 10.42 18.61
N GLY A 217 -3.42 9.71 19.49
CA GLY A 217 -3.96 8.42 19.13
C GLY A 217 -4.86 8.58 17.92
N TYR A 218 -4.73 7.64 16.98
CA TYR A 218 -5.36 7.80 15.69
C TYR A 218 -5.97 6.49 15.23
N ASN A 219 -6.75 6.59 14.15
CA ASN A 219 -7.53 5.46 13.66
C ASN A 219 -7.35 5.28 12.16
N LYS A 220 -8.21 4.46 11.55
CA LYS A 220 -8.10 4.12 10.13
C LYS A 220 -8.24 5.33 9.22
N ALA A 221 -8.75 6.46 9.72
CA ALA A 221 -8.84 7.65 8.90
C ALA A 221 -7.49 8.16 8.39
N VAL A 222 -6.38 7.74 9.02
CA VAL A 222 -5.07 8.11 8.48
C VAL A 222 -4.88 7.56 7.08
N ASP A 223 -5.48 6.40 6.78
CA ASP A 223 -5.37 5.84 5.43
C ASP A 223 -6.13 6.67 4.40
N TRP A 224 -7.25 7.27 4.80
CA TRP A 224 -8.02 8.10 3.87
C TRP A 224 -7.30 9.42 3.60
N TRP A 225 -6.66 10.00 4.62
CA TRP A 225 -5.78 11.12 4.38
C TRP A 225 -4.70 10.74 3.37
N ALA A 226 -4.02 9.61 3.61
CA ALA A 226 -2.97 9.18 2.70
C ALA A 226 -3.49 8.95 1.27
N LEU A 227 -4.72 8.48 1.10
CA LEU A 227 -5.30 8.39 -0.23
C LEU A 227 -5.36 9.75 -0.90
N GLY A 228 -5.73 10.78 -0.14
CA GLY A 228 -5.72 12.14 -0.67
C GLY A 228 -4.35 12.55 -1.16
N VAL A 229 -3.30 12.25 -0.38
CA VAL A 229 -1.94 12.56 -0.82
C VAL A 229 -1.61 11.80 -2.10
N LEU A 230 -1.97 10.51 -2.17
CA LEU A 230 -1.64 9.71 -3.33
C LEU A 230 -2.34 10.24 -4.58
N ILE A 231 -3.64 10.52 -4.48
CA ILE A 231 -4.37 11.02 -5.65
C ILE A 231 -3.76 12.33 -6.12
N TYR A 232 -3.47 13.24 -5.18
CA TYR A 232 -2.83 14.50 -5.54
C TYR A 232 -1.50 14.23 -6.26
N GLU A 233 -0.65 13.36 -5.70
CA GLU A 233 0.64 13.12 -6.32
C GLU A 233 0.51 12.48 -7.70
N MET A 234 -0.43 11.54 -7.85
CA MET A 234 -0.62 10.93 -9.17
C MET A 234 -1.03 11.97 -10.20
N ALA A 235 -1.93 12.89 -9.82
CA ALA A 235 -2.47 13.83 -10.77
C ALA A 235 -1.60 15.07 -10.98
N ALA A 236 -0.74 15.41 -10.01
CA ALA A 236 0.13 16.58 -10.10
C ALA A 236 1.54 16.23 -10.50
N GLY A 237 2.01 15.04 -10.09
CA GLY A 237 3.40 14.64 -10.24
C GLY A 237 4.26 14.87 -9.02
N TYR A 238 3.72 15.50 -8.00
CA TYR A 238 4.41 15.78 -6.75
C TYR A 238 3.35 15.85 -5.66
N PRO A 239 3.70 15.56 -4.41
CA PRO A 239 2.70 15.51 -3.36
C PRO A 239 2.36 16.88 -2.81
N PRO A 240 1.27 16.99 -2.03
CA PRO A 240 0.76 18.31 -1.64
C PRO A 240 1.60 19.01 -0.60
N PHE A 241 2.34 18.27 0.21
CA PHE A 241 3.18 18.81 1.27
C PHE A 241 4.61 18.36 0.91
N PHE A 242 5.38 19.28 0.33
CA PHE A 242 6.57 18.95 -0.45
C PHE A 242 7.66 19.88 0.03
N ALA A 243 8.70 19.31 0.62
CA ALA A 243 9.85 20.06 1.11
C ALA A 243 11.03 19.12 1.26
N ASP A 244 12.23 19.70 1.35
CA ASP A 244 13.44 18.88 1.34
C ASP A 244 13.64 18.08 2.61
N GLN A 245 13.21 18.59 3.77
CA GLN A 245 13.47 17.92 5.04
C GLN A 245 12.17 17.52 5.73
N PRO A 246 12.14 16.36 6.40
CA PRO A 246 10.92 15.95 7.11
C PRO A 246 10.29 17.03 8.01
N ILE A 247 11.07 17.76 8.79
CA ILE A 247 10.47 18.74 9.70
C ILE A 247 9.66 19.79 8.93
N GLN A 248 10.16 20.18 7.76
CA GLN A 248 9.42 21.16 6.94
C GLN A 248 8.16 20.54 6.38
N ILE A 249 8.23 19.27 6.00
CA ILE A 249 7.04 18.56 5.52
C ILE A 249 5.97 18.54 6.60
N TYR A 250 6.37 18.19 7.83
CA TYR A 250 5.42 18.09 8.94
C TYR A 250 4.73 19.42 9.20
N GLU A 251 5.49 20.53 9.17
CA GLU A 251 4.90 21.85 9.38
C GLU A 251 3.83 22.15 8.33
N LYS A 252 4.06 21.77 7.07
CA LYS A 252 3.07 22.00 6.03
C LYS A 252 1.82 21.14 6.26
N ILE A 253 2.00 19.90 6.66
CA ILE A 253 0.87 19.00 6.86
C ILE A 253 -0.07 19.53 7.94
N VAL A 254 0.50 19.96 9.07
N VAL A 254 0.49 19.96 9.08
CA VAL A 254 -0.32 20.39 10.20
CA VAL A 254 -0.39 20.36 10.19
C VAL A 254 -1.07 21.67 9.89
C VAL A 254 -0.96 21.76 10.03
N SER A 255 -0.51 22.52 9.03
CA SER A 255 -1.06 23.86 8.81
C SER A 255 -2.53 23.89 8.39
N GLY A 256 -3.02 22.86 7.71
CA GLY A 256 -4.38 22.91 7.19
C GLY A 256 -4.53 23.65 5.88
N LYS A 257 -3.44 23.82 5.11
CA LYS A 257 -3.46 24.52 3.82
C LYS A 257 -2.97 23.56 2.73
N VAL A 258 -3.68 23.52 1.61
CA VAL A 258 -3.26 22.84 0.40
C VAL A 258 -3.53 23.75 -0.79
N ARG A 259 -2.60 23.79 -1.73
CA ARG A 259 -2.78 24.48 -3.01
C ARG A 259 -2.75 23.44 -4.12
N PHE A 260 -3.49 23.70 -5.19
CA PHE A 260 -3.69 22.76 -6.26
C PHE A 260 -3.17 23.32 -7.59
N PRO A 261 -2.63 22.47 -8.45
CA PRO A 261 -2.31 22.91 -9.82
C PRO A 261 -3.54 23.44 -10.53
N SER A 262 -3.32 24.41 -11.43
CA SER A 262 -4.44 25.01 -12.16
C SER A 262 -5.10 24.02 -13.10
N HIS A 263 -4.47 22.90 -13.44
CA HIS A 263 -5.10 21.92 -14.31
C HIS A 263 -5.98 20.93 -13.57
N PHE A 264 -6.01 20.92 -12.24
CA PHE A 264 -6.91 20.03 -11.52
C PHE A 264 -8.35 20.44 -11.76
N SER A 265 -9.20 19.47 -12.06
CA SER A 265 -10.63 19.74 -12.17
C SER A 265 -11.20 20.17 -10.81
N SER A 266 -12.31 20.91 -10.85
CA SER A 266 -12.96 21.27 -9.59
C SER A 266 -13.48 20.07 -8.84
N ASP A 267 -13.94 19.02 -9.55
CA ASP A 267 -14.36 17.81 -8.85
C ASP A 267 -13.19 17.18 -8.09
N LEU A 268 -12.01 17.13 -8.71
CA LEU A 268 -10.85 16.58 -8.03
C LEU A 268 -10.49 17.41 -6.79
N LYS A 269 -10.49 18.74 -6.93
CA LYS A 269 -10.14 19.58 -5.80
C LYS A 269 -11.12 19.37 -4.66
N ASP A 270 -12.41 19.25 -4.98
CA ASP A 270 -13.40 19.05 -3.93
C ASP A 270 -13.13 17.74 -3.18
N LEU A 271 -12.90 16.65 -3.92
CA LEU A 271 -12.58 15.39 -3.27
C LEU A 271 -11.35 15.53 -2.36
N LEU A 272 -10.30 16.17 -2.88
CA LEU A 272 -9.05 16.27 -2.13
C LEU A 272 -9.20 17.15 -0.90
N ARG A 273 -10.00 18.21 -0.98
N ARG A 273 -10.00 18.21 -0.97
CA ARG A 273 -10.23 19.03 0.21
CA ARG A 273 -10.21 19.02 0.23
C ARG A 273 -10.91 18.22 1.31
C ARG A 273 -10.93 18.23 1.32
N ASN A 274 -11.73 17.24 0.93
CA ASN A 274 -12.44 16.44 1.91
C ASN A 274 -11.63 15.24 2.42
N LEU A 275 -10.61 14.79 1.67
CA LEU A 275 -9.70 13.77 2.17
C LEU A 275 -8.58 14.37 3.00
N LEU A 276 -8.00 15.47 2.49
CA LEU A 276 -6.92 16.20 3.15
C LEU A 276 -7.49 17.22 4.15
N GLN A 277 -8.35 16.70 4.99
CA GLN A 277 -9.11 17.46 5.98
C GLN A 277 -8.50 17.19 7.35
N VAL A 278 -7.99 18.24 8.00
N VAL A 278 -7.98 18.23 7.98
CA VAL A 278 -7.36 18.08 9.30
CA VAL A 278 -7.36 18.07 9.29
C VAL A 278 -8.38 17.77 10.38
C VAL A 278 -8.41 17.69 10.33
N ASP A 279 -9.62 18.23 10.23
CA ASP A 279 -10.66 18.02 11.24
C ASP A 279 -11.27 16.64 11.02
N LEU A 280 -11.04 15.73 11.96
N LEU A 280 -11.05 15.72 11.96
CA LEU A 280 -11.51 14.35 11.81
CA LEU A 280 -11.51 14.35 11.81
C LEU A 280 -13.02 14.26 11.75
C LEU A 280 -13.02 14.21 11.84
N THR A 281 -13.74 15.22 12.33
CA THR A 281 -15.19 15.20 12.26
C THR A 281 -15.71 15.55 10.88
N LYS A 282 -14.82 15.94 9.95
CA LYS A 282 -15.20 16.31 8.60
C LYS A 282 -14.50 15.50 7.52
N ARG A 283 -13.57 14.61 7.85
CA ARG A 283 -12.78 13.93 6.83
C ARG A 283 -13.57 12.80 6.20
N PHE A 284 -13.61 12.79 4.87
CA PHE A 284 -14.25 11.71 4.16
C PHE A 284 -13.57 10.38 4.48
N GLY A 285 -14.41 9.36 4.62
CA GLY A 285 -13.99 8.08 5.10
C GLY A 285 -14.16 7.91 6.58
N ASN A 286 -14.37 9.01 7.31
CA ASN A 286 -14.47 8.99 8.76
C ASN A 286 -15.85 9.44 9.26
N LEU A 287 -16.83 9.59 8.37
CA LEU A 287 -18.12 10.11 8.73
C LEU A 287 -19.14 8.96 8.82
N LYS A 288 -20.38 9.33 9.14
CA LYS A 288 -21.42 8.32 9.33
C LYS A 288 -21.57 7.43 8.09
N ASN A 289 -21.42 8.00 6.91
N ASN A 289 -21.42 8.01 6.91
CA ASN A 289 -21.59 7.22 5.68
CA ASN A 289 -21.58 7.29 5.65
C ASN A 289 -20.32 6.52 5.23
C ASN A 289 -20.33 6.52 5.25
N GLY A 290 -19.26 6.60 6.03
CA GLY A 290 -18.09 5.78 5.79
C GLY A 290 -17.49 5.96 4.40
N VAL A 291 -17.10 4.84 3.79
CA VAL A 291 -16.43 4.87 2.50
C VAL A 291 -17.36 5.35 1.40
N ASN A 292 -18.67 5.32 1.63
CA ASN A 292 -19.59 5.72 0.58
C ASN A 292 -19.50 7.20 0.26
N ASP A 293 -19.05 8.05 1.18
CA ASP A 293 -18.83 9.44 0.82
C ASP A 293 -17.77 9.57 -0.25
N ILE A 294 -16.78 8.67 -0.25
CA ILE A 294 -15.77 8.66 -1.29
C ILE A 294 -16.31 8.02 -2.56
N LYS A 295 -16.90 6.83 -2.44
CA LYS A 295 -17.32 6.09 -3.62
C LYS A 295 -18.38 6.84 -4.40
N ASN A 296 -19.22 7.65 -3.72
CA ASN A 296 -20.31 8.38 -4.35
C ASN A 296 -19.93 9.80 -4.72
N HIS A 297 -18.68 10.20 -4.51
CA HIS A 297 -18.25 11.54 -4.89
C HIS A 297 -18.28 11.71 -6.40
N LYS A 298 -18.57 12.95 -6.81
CA LYS A 298 -18.64 13.26 -8.24
C LYS A 298 -17.40 12.86 -9.03
N TRP A 299 -16.20 13.00 -8.44
CA TRP A 299 -15.02 12.65 -9.20
C TRP A 299 -15.01 11.18 -9.59
N PHE A 300 -15.69 10.32 -8.84
CA PHE A 300 -15.79 8.91 -9.14
C PHE A 300 -17.08 8.54 -9.87
N ALA A 301 -17.81 9.52 -10.43
CA ALA A 301 -19.13 9.21 -10.99
C ALA A 301 -19.05 8.21 -12.15
N THR A 302 -17.95 8.21 -12.91
CA THR A 302 -17.75 7.29 -14.03
C THR A 302 -17.22 5.92 -13.61
N THR A 303 -16.92 5.73 -12.33
CA THR A 303 -16.28 4.50 -11.87
C THR A 303 -17.32 3.41 -11.62
N ASP A 304 -17.16 2.29 -12.31
CA ASP A 304 -17.95 1.09 -12.07
C ASP A 304 -17.19 0.25 -11.05
N TRP A 305 -17.56 0.40 -9.79
CA TRP A 305 -16.84 -0.22 -8.69
C TRP A 305 -16.78 -1.73 -8.83
N ILE A 306 -17.92 -2.36 -9.16
CA ILE A 306 -17.92 -3.81 -9.30
C ILE A 306 -17.02 -4.23 -10.45
N ALA A 307 -17.09 -3.50 -11.57
CA ALA A 307 -16.25 -3.82 -12.73
C ALA A 307 -14.77 -3.71 -12.40
N ILE A 308 -14.38 -2.70 -11.61
CA ILE A 308 -12.98 -2.60 -11.17
C ILE A 308 -12.58 -3.84 -10.37
N TYR A 309 -13.41 -4.20 -9.39
CA TYR A 309 -13.15 -5.36 -8.56
C TYR A 309 -12.99 -6.62 -9.39
N GLN A 310 -13.91 -6.81 -10.35
CA GLN A 310 -13.93 -7.98 -11.21
C GLN A 310 -12.87 -7.90 -12.30
N ARG A 311 -12.11 -6.80 -12.34
CA ARG A 311 -11.02 -6.58 -13.30
C ARG A 311 -11.52 -6.59 -14.75
N LYS A 312 -12.70 -6.02 -14.99
CA LYS A 312 -13.32 -5.97 -16.31
C LYS A 312 -12.98 -4.69 -17.06
N VAL A 313 -12.40 -3.69 -16.37
CA VAL A 313 -12.13 -2.39 -16.98
C VAL A 313 -10.77 -2.43 -17.68
N GLU A 314 -10.71 -1.88 -18.87
CA GLU A 314 -9.45 -1.79 -19.60
C GLU A 314 -8.52 -0.79 -18.91
N ALA A 315 -7.32 -1.24 -18.58
CA ALA A 315 -6.37 -0.40 -17.87
C ALA A 315 -5.79 0.67 -18.79
N PRO A 316 -5.37 1.80 -18.20
CA PRO A 316 -4.84 2.89 -19.03
C PRO A 316 -3.44 2.62 -19.54
N PHE A 317 -2.71 1.70 -18.92
CA PHE A 317 -1.31 1.47 -19.21
C PHE A 317 -1.00 0.01 -18.96
N ILE A 318 -0.41 -0.66 -19.94
CA ILE A 318 -0.01 -2.07 -19.84
C ILE A 318 1.52 -2.11 -19.88
N PRO A 319 2.18 -2.54 -18.81
CA PRO A 319 3.65 -2.59 -18.84
C PRO A 319 4.17 -3.53 -19.91
N LYS A 320 5.33 -3.21 -20.47
CA LYS A 320 6.00 -4.10 -21.40
C LYS A 320 6.57 -5.28 -20.64
N PHE A 321 6.40 -6.48 -21.20
CA PHE A 321 6.78 -7.71 -20.50
C PHE A 321 7.49 -8.62 -21.49
N LYS A 322 8.74 -8.98 -21.17
CA LYS A 322 9.56 -9.78 -22.08
C LYS A 322 9.66 -11.25 -21.67
N GLY A 323 9.39 -11.56 -20.40
CA GLY A 323 9.45 -12.91 -19.91
C GLY A 323 9.18 -12.93 -18.43
N PRO A 324 8.98 -14.12 -17.85
CA PRO A 324 8.52 -14.19 -16.46
C PRO A 324 9.53 -13.68 -15.44
N GLY A 325 10.82 -13.68 -15.78
CA GLY A 325 11.85 -13.21 -14.87
C GLY A 325 12.45 -11.90 -15.33
N ASP A 326 11.76 -11.21 -16.23
CA ASP A 326 12.30 -9.96 -16.75
C ASP A 326 12.24 -8.89 -15.67
N THR A 327 13.32 -8.15 -15.51
CA THR A 327 13.40 -7.07 -14.54
C THR A 327 13.52 -5.69 -15.18
N SER A 328 13.20 -5.56 -16.48
N SER A 328 13.22 -5.57 -16.48
CA SER A 328 13.44 -4.29 -17.17
CA SER A 328 13.41 -4.31 -17.19
C SER A 328 12.61 -3.13 -16.65
C SER A 328 12.69 -3.14 -16.52
N ASN A 329 11.53 -3.39 -15.91
CA ASN A 329 10.70 -2.30 -15.37
C ASN A 329 11.11 -1.87 -13.98
N PHE A 330 12.23 -2.38 -13.45
CA PHE A 330 12.75 -2.00 -12.15
C PHE A 330 14.09 -1.28 -12.31
N ASP A 331 14.35 -0.38 -11.37
CA ASP A 331 15.63 0.29 -11.30
C ASP A 331 16.69 -0.65 -10.72
N ASP A 332 17.94 -0.28 -10.92
CA ASP A 332 19.05 -1.08 -10.42
C ASP A 332 19.46 -0.63 -9.02
N TYR A 333 19.98 -1.59 -8.26
CA TYR A 333 20.47 -1.37 -6.91
C TYR A 333 21.81 -2.05 -6.74
N GLU A 334 22.60 -1.55 -5.79
CA GLU A 334 23.86 -2.21 -5.44
C GLU A 334 23.56 -3.61 -4.92
N GLU A 335 24.32 -4.59 -5.41
CA GLU A 335 24.14 -5.97 -5.00
C GLU A 335 25.10 -6.30 -3.86
N GLU A 336 24.56 -6.86 -2.77
CA GLU A 336 25.34 -7.20 -1.59
C GLU A 336 25.17 -8.68 -1.26
N GLU A 337 26.20 -9.28 -0.69
CA GLU A 337 26.17 -10.70 -0.36
C GLU A 337 25.13 -10.96 0.71
N ILE A 338 24.46 -12.11 0.61
CA ILE A 338 23.50 -12.54 1.61
C ILE A 338 24.26 -13.51 2.52
N ARG A 339 24.75 -12.97 3.64
CA ARG A 339 25.57 -13.74 4.58
C ARG A 339 24.70 -14.24 5.73
N VAL A 340 24.80 -15.55 5.99
CA VAL A 340 24.07 -16.19 7.09
C VAL A 340 25.04 -16.66 8.18
N SEP A 341 24.87 -16.11 9.39
CA SEP A 341 25.82 -16.38 10.47
CB SEP A 341 25.54 -15.46 11.66
OG SEP A 341 26.31 -15.80 12.79
C SEP A 341 25.74 -17.83 10.90
O SEP A 341 24.73 -18.51 10.71
P SEP A 341 27.80 -15.16 12.80
O1P SEP A 341 28.19 -15.04 14.35
O2P SEP A 341 28.77 -16.15 11.99
O3P SEP A 341 27.83 -13.69 12.15
H SEP A 341 24.23 -15.60 9.60
HA SEP A 341 26.73 -16.20 10.15
HB2 SEP A 341 24.60 -15.52 11.89
HB3 SEP A 341 25.74 -14.55 11.40
N ILE A 342 26.83 -18.32 11.48
CA ILE A 342 26.82 -19.69 11.97
C ILE A 342 26.13 -19.76 13.35
N ASN A 343 25.85 -18.60 13.95
CA ASN A 343 25.19 -18.52 15.24
C ASN A 343 23.81 -17.88 15.11
N GLU A 344 22.85 -18.42 15.83
CA GLU A 344 21.49 -17.89 15.76
C GLU A 344 21.41 -16.53 16.44
N LYS A 345 20.84 -15.56 15.73
CA LYS A 345 20.66 -14.22 16.29
C LYS A 345 19.20 -14.01 16.66
N CYS A 346 18.99 -13.41 17.83
CA CYS A 346 17.67 -12.93 18.24
C CYS A 346 16.61 -14.04 18.19
N GLY A 347 16.98 -15.24 18.62
CA GLY A 347 16.07 -16.37 18.50
C GLY A 347 14.80 -16.20 19.31
N LYS A 348 14.94 -15.75 20.57
CA LYS A 348 13.77 -15.61 21.44
C LYS A 348 12.83 -14.52 20.94
N GLU A 349 13.38 -13.42 20.42
CA GLU A 349 12.55 -12.32 19.95
C GLU A 349 11.63 -12.73 18.80
N PHE A 350 12.04 -13.69 17.97
CA PHE A 350 11.29 -14.05 16.77
C PHE A 350 10.71 -15.46 16.83
N THR A 351 10.50 -15.99 18.05
CA THR A 351 9.94 -17.33 18.20
C THR A 351 8.65 -17.50 17.40
N GLU A 352 7.85 -16.43 17.31
CA GLU A 352 6.52 -16.51 16.69
C GLU A 352 6.56 -16.36 15.18
N PHE A 353 7.70 -16.01 14.60
CA PHE A 353 7.75 -15.76 13.15
C PHE A 353 7.87 -17.07 12.37
N ALA B 3 11.01 23.11 -4.11
CA ALA B 3 12.01 22.10 -3.78
C ALA B 3 11.42 21.06 -2.83
N GLY B 4 11.54 19.79 -3.20
CA GLY B 4 11.10 18.72 -2.32
C GLY B 4 11.77 17.44 -2.77
N ARG B 5 11.42 16.34 -2.10
CA ARG B 5 12.13 15.09 -2.32
C ARG B 5 11.55 14.37 -3.54
N THR B 6 12.40 14.11 -4.53
CA THR B 6 11.96 13.50 -5.78
C THR B 6 12.30 12.01 -5.88
N GLY B 7 13.20 11.51 -5.04
CA GLY B 7 13.57 10.11 -5.07
C GLY B 7 12.69 9.27 -4.15
N ARG B 8 13.00 7.99 -4.10
CA ARG B 8 12.23 7.09 -3.23
C ARG B 8 12.33 7.54 -1.78
N ARG B 9 11.22 7.42 -1.07
CA ARG B 9 11.07 7.95 0.28
C ARG B 9 10.98 6.80 1.27
N GLN B 10 11.86 6.80 2.24
CA GLN B 10 11.89 5.75 3.23
C GLN B 10 10.88 6.00 4.34
N ALA B 11 10.28 4.93 4.83
CA ALA B 11 9.42 5.01 6.00
C ALA B 11 10.23 5.36 7.25
N ILE B 12 9.54 5.97 8.20
CA ILE B 12 10.08 6.31 9.50
C ILE B 12 9.42 5.44 10.56
N HIS B 13 10.19 5.05 11.55
CA HIS B 13 9.69 4.25 12.65
C HIS B 13 9.46 5.10 13.88
N ASP B 14 9.96 6.33 13.88
CA ASP B 14 9.76 7.25 14.99
C ASP B 14 10.08 8.67 14.53
N ILE B 15 9.36 9.63 15.11
CA ILE B 15 9.58 11.06 14.82
C ILE B 15 10.31 11.69 15.99
C4 8JW C . 8.27 -6.58 -5.54
C5 8JW C . 7.25 -6.85 -1.94
N1 8JW C . 9.12 -5.95 -6.39
F2 8JW C . 6.15 -7.34 -1.37
F 8JW C . 7.26 -5.59 -1.67
F1 8JW C . 8.31 -7.37 -1.32
C1 8JW C . 7.26 -7.11 -3.40
C2 8JW C . 6.46 -8.02 -3.99
N 8JW C . 6.53 -8.25 -5.32
C3 8JW C . 7.41 -7.58 -6.18
O 8JW C . 7.44 -7.84 -7.38
C 8JW C . 8.19 -6.35 -4.19
H3 8JW C . 9.76 -5.23 -6.05
H4 8JW C . 9.14 -6.16 -7.37
H2 8JW C . 5.74 -8.62 -3.44
H 8JW C . 5.90 -8.94 -5.72
H1 8JW C . 8.82 -5.60 -3.70
C1 MPD D . -16.19 -4.45 -5.01
C2 MPD D . -16.76 -5.24 -3.83
O2 MPD D . -17.96 -4.54 -3.43
CM MPD D . -17.17 -6.66 -4.22
C3 MPD D . -15.75 -5.33 -2.68
C4 MPD D . -15.46 -3.97 -2.02
O4 MPD D . -16.56 -3.55 -1.25
C5 MPD D . -14.23 -3.89 -1.11
H11 MPD D . -15.18 -4.12 -4.76
H12 MPD D . -16.17 -5.09 -5.90
H13 MPD D . -16.83 -3.58 -5.20
HO2 MPD D . -17.88 -4.25 -2.49
HM1 MPD D . -16.64 -7.38 -3.60
HM2 MPD D . -18.25 -6.78 -4.10
HM3 MPD D . -16.91 -6.83 -5.28
H31 MPD D . -16.13 -6.02 -1.92
H32 MPD D . -14.82 -5.74 -3.06
H4 MPD D . -15.31 -3.24 -2.82
HO4 MPD D . -16.67 -2.59 -1.33
H51 MPD D . -14.54 -3.54 -0.12
H52 MPD D . -13.51 -3.20 -1.53
H53 MPD D . -13.79 -4.89 -1.03
S DMS E . -12.62 12.03 16.89
O DMS E . -11.21 12.35 16.48
C1 DMS E . -12.72 12.08 18.70
C2 DMS E . -13.70 13.41 16.46
H11 DMS E . -12.13 11.30 19.11
H12 DMS E . -13.73 11.94 19.00
H13 DMS E . -12.38 13.01 19.04
H21 DMS E . -14.67 13.22 16.84
H22 DMS E . -13.74 13.53 15.42
H23 DMS E . -13.32 14.30 16.91
#